data_2IRX
#
_entry.id   2IRX
#
_cell.length_a   42.557
_cell.length_b   75.532
_cell.length_c   89.518
_cell.angle_alpha   90.00
_cell.angle_beta   90.00
_cell.angle_gamma   90.00
#
_symmetry.space_group_name_H-M   'P 21 21 21'
#
loop_
_entity.id
_entity.type
_entity.pdbx_description
1 polymer 'DNA ligase-like protein Rv0938/MT0965'
2 non-polymer 'MANGANESE (II) ION'
3 non-polymer "GUANOSINE-5'-TRIPHOSPHATE"
4 water water
#
_entity_poly.entity_id   1
_entity_poly.type   'polypeptide(L)'
_entity_poly.pdbx_seq_one_letter_code
;GSHMGSASEQRVTLTNADKVLYPATGTTKSDIFDYYAGVAEVMLGHIAGRPATRKRWPNGVDQPAFFEKQLALSAPPWLS
RATVAHRSGTTTYPIIDSATGLAWIAQQAALEVHVPQWRFVAEPGSGELNPGPATRLVFDLDPGEGVMMAQLAEVARAVR
DLLADIGLVTFPVTSGSKGLHLYTPLDEPVSSRGATVLAKRVAQRLEQAMPALVTSTMTKSLRAGKVFVDWSQNSGSKTT
IAPYSLRGRTHPTVAAPRTWAELDDPALRQLSYDEVLTRIARDGDLLERLDADAPVADRLTRY
;
_entity_poly.pdbx_strand_id   A
#
loop_
_chem_comp.id
_chem_comp.type
_chem_comp.name
_chem_comp.formula
GTP non-polymer GUANOSINE-5'-TRIPHOSPHATE 'C10 H16 N5 O14 P3'
MN non-polymer 'MANGANESE (II) ION' 'Mn 2'
#
# COMPACT_ATOMS: atom_id res chain seq x y z
N GLN A 10 -18.47 -17.49 8.71
CA GLN A 10 -17.14 -16.79 8.66
C GLN A 10 -16.10 -17.54 9.51
N ARG A 11 -15.41 -18.50 8.86
CA ARG A 11 -14.47 -19.40 9.54
C ARG A 11 -13.20 -19.73 8.74
N VAL A 12 -12.07 -19.62 9.42
CA VAL A 12 -10.75 -19.86 8.84
C VAL A 12 -10.07 -20.88 9.76
N THR A 13 -9.44 -21.88 9.16
CA THR A 13 -8.57 -22.79 9.90
C THR A 13 -7.14 -22.50 9.50
N LEU A 14 -6.32 -22.17 10.50
CA LEU A 14 -4.90 -21.87 10.29
C LEU A 14 -4.06 -23.15 10.21
N THR A 15 -3.60 -23.51 9.00
CA THR A 15 -2.75 -24.72 8.85
C THR A 15 -1.27 -24.29 8.80
N ASN A 16 -0.35 -25.21 9.09
CA ASN A 16 1.09 -24.87 9.07
C ASN A 16 1.36 -23.58 9.85
N ALA A 17 0.69 -23.46 11.01
CA ALA A 17 0.82 -22.26 11.85
C ALA A 17 2.28 -22.04 12.30
N ASP A 18 3.00 -23.15 12.48
CA ASP A 18 4.39 -23.14 12.94
C ASP A 18 5.45 -23.03 11.82
N LYS A 19 4.97 -22.92 10.57
CA LYS A 19 5.88 -22.78 9.42
C LYS A 19 6.56 -21.41 9.43
N VAL A 20 7.89 -21.40 9.37
CA VAL A 20 8.64 -20.18 9.30
C VAL A 20 8.54 -19.58 7.89
N LEU A 21 8.06 -18.35 7.81
CA LEU A 21 7.96 -17.65 6.51
C LEU A 21 9.12 -16.67 6.29
N TYR A 22 9.77 -16.28 7.40
CA TYR A 22 10.97 -15.40 7.36
C TYR A 22 12.10 -16.11 8.11
N PRO A 23 12.92 -16.90 7.39
CA PRO A 23 14.01 -17.65 8.03
C PRO A 23 14.96 -16.75 8.83
N ALA A 24 15.21 -15.52 8.36
CA ALA A 24 16.14 -14.59 9.04
C ALA A 24 15.77 -14.30 10.51
N THR A 25 14.46 -14.21 10.77
CA THR A 25 13.92 -13.87 12.07
C THR A 25 13.09 -14.97 12.74
N GLY A 26 12.88 -16.08 12.02
CA GLY A 26 12.02 -17.17 12.53
C GLY A 26 10.53 -16.85 12.59
N THR A 27 10.15 -15.77 11.92
CA THR A 27 8.74 -15.38 11.91
C THR A 27 7.85 -16.39 11.17
N THR A 28 6.77 -16.83 11.84
CA THR A 28 5.90 -17.90 11.37
C THR A 28 4.60 -17.41 10.80
N LYS A 29 3.86 -18.32 10.15
CA LYS A 29 2.52 -18.04 9.74
C LYS A 29 1.68 -17.57 10.95
N SER A 30 1.86 -18.22 12.11
CA SER A 30 1.10 -17.80 13.29
C SER A 30 1.41 -16.34 13.70
N ASP A 31 2.67 -15.92 13.60
CA ASP A 31 3.10 -14.54 13.89
C ASP A 31 2.42 -13.54 12.95
N ILE A 32 2.38 -13.91 11.68
CA ILE A 32 1.70 -13.13 10.65
C ILE A 32 0.20 -13.00 10.92
N PHE A 33 -0.43 -14.10 11.35
CA PHE A 33 -1.82 -14.08 11.80
C PHE A 33 -1.98 -13.12 13.00
N ASP A 34 -1.13 -13.28 14.00
CA ASP A 34 -1.16 -12.40 15.18
C ASP A 34 -1.02 -10.90 14.79
N TYR A 35 -0.05 -10.62 13.95
CA TYR A 35 0.11 -9.26 13.43
C TYR A 35 -1.16 -8.69 12.75
N TYR A 36 -1.70 -9.44 11.78
CA TYR A 36 -2.86 -8.97 11.07
C TYR A 36 -4.09 -8.84 11.98
N ALA A 37 -4.21 -9.72 12.98
CA ALA A 37 -5.27 -9.58 14.00
C ALA A 37 -5.08 -8.25 14.76
N GLY A 38 -3.82 -7.99 15.11
CA GLY A 38 -3.40 -6.82 15.87
C GLY A 38 -3.64 -5.52 15.14
N VAL A 39 -3.43 -5.52 13.82
CA VAL A 39 -3.63 -4.28 13.02
C VAL A 39 -5.00 -4.16 12.36
N ALA A 40 -5.87 -5.16 12.56
CA ALA A 40 -7.18 -5.16 11.88
C ALA A 40 -7.97 -3.84 12.02
N GLU A 41 -8.12 -3.35 13.25
CA GLU A 41 -8.89 -2.14 13.50
C GLU A 41 -8.32 -0.93 12.72
N VAL A 42 -7.00 -0.79 12.69
CA VAL A 42 -6.40 0.37 11.99
C VAL A 42 -6.22 0.17 10.47
N MET A 43 -6.00 -1.08 10.05
CA MET A 43 -5.76 -1.37 8.63
C MET A 43 -7.04 -1.43 7.77
N LEU A 44 -8.12 -1.95 8.34
CA LEU A 44 -9.31 -2.25 7.52
C LEU A 44 -9.90 -1.02 6.83
N GLY A 45 -9.86 0.13 7.49
CA GLY A 45 -10.41 1.35 6.89
C GLY A 45 -9.76 1.75 5.57
N HIS A 46 -8.49 1.39 5.41
CA HIS A 46 -7.71 1.84 4.23
C HIS A 46 -7.72 0.83 3.09
N ILE A 47 -8.34 -0.32 3.34
CA ILE A 47 -8.59 -1.29 2.26
C ILE A 47 -10.08 -1.61 2.05
N ALA A 48 -10.94 -1.12 2.95
CA ALA A 48 -12.40 -1.27 2.76
C ALA A 48 -12.87 -0.78 1.37
N GLY A 49 -13.74 -1.58 0.75
CA GLY A 49 -14.30 -1.21 -0.56
C GLY A 49 -13.35 -1.38 -1.75
N ARG A 50 -12.13 -1.88 -1.51
CA ARG A 50 -11.14 -2.00 -2.59
C ARG A 50 -10.90 -3.45 -2.95
N PRO A 51 -10.68 -3.74 -4.24
CA PRO A 51 -10.29 -5.11 -4.58
C PRO A 51 -8.87 -5.38 -4.01
N ALA A 52 -8.71 -6.49 -3.29
CA ALA A 52 -7.42 -6.87 -2.68
C ALA A 52 -6.67 -7.88 -3.57
N THR A 53 -5.51 -7.44 -4.04
CA THR A 53 -4.52 -8.31 -4.68
C THR A 53 -3.59 -8.86 -3.59
N ARG A 54 -3.37 -10.17 -3.61
CA ARG A 54 -2.57 -10.90 -2.62
C ARG A 54 -1.22 -11.28 -3.24
N LYS A 55 -0.15 -10.72 -2.72
CA LYS A 55 1.17 -11.26 -3.04
C LYS A 55 1.55 -12.34 -2.00
N ARG A 56 1.62 -13.57 -2.49
CA ARG A 56 1.78 -14.75 -1.65
C ARG A 56 3.16 -15.38 -1.73
N TRP A 57 3.65 -15.80 -0.57
CA TRP A 57 4.89 -16.58 -0.44
C TRP A 57 4.56 -17.86 0.35
N PRO A 58 3.93 -18.85 -0.30
CA PRO A 58 3.47 -20.06 0.43
C PRO A 58 4.59 -20.81 1.19
N ASN A 59 5.82 -20.71 0.69
CA ASN A 59 6.97 -21.32 1.34
C ASN A 59 7.98 -20.30 1.90
N GLY A 60 7.51 -19.09 2.19
CA GLY A 60 8.36 -18.10 2.84
C GLY A 60 9.18 -17.27 1.85
N VAL A 61 9.87 -16.26 2.38
CA VAL A 61 10.44 -15.19 1.57
C VAL A 61 11.72 -15.62 0.81
N ASP A 62 12.25 -16.81 1.11
CA ASP A 62 13.40 -17.36 0.35
C ASP A 62 12.94 -18.28 -0.77
N GLN A 63 11.63 -18.39 -0.92
CA GLN A 63 11.04 -19.19 -1.99
C GLN A 63 10.14 -18.31 -2.88
N PRO A 64 9.70 -18.84 -4.04
CA PRO A 64 8.96 -17.97 -4.97
C PRO A 64 7.63 -17.36 -4.48
N ALA A 65 7.35 -16.19 -5.03
CA ALA A 65 6.13 -15.45 -4.75
C ALA A 65 5.31 -15.36 -6.04
N PHE A 66 4.03 -15.05 -5.90
CA PHE A 66 3.21 -14.69 -7.04
C PHE A 66 2.18 -13.61 -6.62
N PHE A 67 1.74 -12.85 -7.62
CA PHE A 67 0.87 -11.72 -7.41
C PHE A 67 -0.51 -12.22 -7.83
N GLU A 68 -1.34 -12.59 -6.86
CA GLU A 68 -2.59 -13.27 -7.15
C GLU A 68 -3.76 -12.30 -7.15
N LYS A 69 -4.43 -12.18 -8.30
CA LYS A 69 -5.55 -11.23 -8.45
C LYS A 69 -6.87 -11.99 -8.41
N GLN A 70 -7.07 -12.86 -9.40
CA GLN A 70 -8.25 -13.74 -9.44
C GLN A 70 -8.47 -14.52 -8.14
N LEU A 71 -9.70 -14.48 -7.66
CA LEU A 71 -10.10 -15.27 -6.50
C LEU A 71 -10.30 -16.75 -6.91
N ALA A 72 -9.65 -17.66 -6.19
CA ALA A 72 -9.83 -19.09 -6.44
C ALA A 72 -11.26 -19.56 -6.26
N LEU A 73 -11.64 -20.60 -7.02
CA LEU A 73 -12.91 -21.28 -6.88
C LEU A 73 -13.13 -21.81 -5.45
N SER A 74 -12.04 -22.24 -4.81
CA SER A 74 -12.09 -22.77 -3.44
C SER A 74 -12.24 -21.72 -2.33
N ALA A 75 -12.14 -20.44 -2.68
CA ALA A 75 -12.24 -19.35 -1.69
C ALA A 75 -13.54 -19.44 -0.86
N PRO A 76 -13.47 -19.11 0.44
CA PRO A 76 -14.68 -19.27 1.28
C PRO A 76 -15.87 -18.43 0.79
N PRO A 77 -17.10 -18.96 0.93
CA PRO A 77 -18.26 -18.27 0.32
C PRO A 77 -18.59 -16.95 1.03
N TRP A 78 -18.10 -16.77 2.26
CA TRP A 78 -18.41 -15.57 3.06
C TRP A 78 -17.54 -14.35 2.67
N LEU A 79 -16.47 -14.57 1.89
CA LEU A 79 -15.64 -13.45 1.40
C LEU A 79 -16.42 -12.55 0.45
N SER A 80 -16.44 -11.25 0.76
CA SER A 80 -16.95 -10.27 -0.19
C SER A 80 -16.08 -10.28 -1.43
N ARG A 81 -16.73 -10.05 -2.57
CA ARG A 81 -16.04 -10.03 -3.85
C ARG A 81 -16.73 -9.09 -4.86
N ALA A 82 -15.98 -8.72 -5.89
CA ALA A 82 -16.57 -7.95 -7.01
C ALA A 82 -15.73 -8.20 -8.25
N THR A 83 -16.30 -7.94 -9.42
CA THR A 83 -15.58 -8.21 -10.66
C THR A 83 -15.06 -6.92 -11.29
N VAL A 84 -13.93 -7.01 -11.96
CA VAL A 84 -13.36 -5.87 -12.68
C VAL A 84 -13.08 -6.31 -14.10
N ALA A 85 -13.61 -5.53 -15.05
CA ALA A 85 -13.30 -5.70 -16.45
C ALA A 85 -11.98 -5.02 -16.74
N HIS A 86 -11.00 -5.82 -17.16
CA HIS A 86 -9.73 -5.31 -17.67
C HIS A 86 -9.70 -5.45 -19.18
N ARG A 87 -8.62 -5.00 -19.81
CA ARG A 87 -8.57 -4.91 -21.28
C ARG A 87 -8.54 -6.29 -21.97
N SER A 88 -8.27 -7.35 -21.21
CA SER A 88 -8.30 -8.72 -21.74
C SER A 88 -9.63 -9.46 -21.46
N GLY A 89 -10.27 -9.10 -20.36
CA GLY A 89 -11.50 -9.75 -19.91
C GLY A 89 -11.93 -9.29 -18.53
N THR A 90 -12.24 -10.25 -17.65
CA THR A 90 -12.82 -9.98 -16.35
C THR A 90 -12.10 -10.74 -15.23
N THR A 91 -11.98 -10.12 -14.05
CA THR A 91 -11.33 -10.73 -12.88
C THR A 91 -12.19 -10.50 -11.66
N THR A 92 -12.42 -11.55 -10.89
CA THR A 92 -13.12 -11.47 -9.63
C THR A 92 -12.10 -11.34 -8.49
N TYR A 93 -12.23 -10.26 -7.73
CA TYR A 93 -11.34 -10.00 -6.59
C TYR A 93 -12.03 -10.17 -5.26
N PRO A 94 -11.29 -10.61 -4.21
CA PRO A 94 -11.87 -10.51 -2.87
C PRO A 94 -11.82 -9.05 -2.41
N ILE A 95 -12.74 -8.70 -1.53
CA ILE A 95 -12.68 -7.42 -0.82
C ILE A 95 -12.49 -7.74 0.67
N ILE A 96 -11.38 -7.30 1.23
CA ILE A 96 -11.08 -7.57 2.65
C ILE A 96 -11.66 -6.44 3.51
N ASP A 97 -12.63 -6.77 4.37
CA ASP A 97 -13.39 -5.78 5.14
C ASP A 97 -13.74 -6.26 6.55
N SER A 98 -13.04 -7.28 7.03
CA SER A 98 -13.32 -7.83 8.36
C SER A 98 -12.08 -8.52 8.90
N ALA A 99 -12.03 -8.67 10.23
CA ALA A 99 -10.97 -9.44 10.88
C ALA A 99 -10.84 -10.86 10.29
N THR A 100 -11.97 -11.53 10.06
CA THR A 100 -11.94 -12.89 9.51
C THR A 100 -11.23 -12.88 8.15
N GLY A 101 -11.53 -11.88 7.33
CA GLY A 101 -10.82 -11.68 6.06
C GLY A 101 -9.31 -11.59 6.23
N LEU A 102 -8.84 -10.83 7.23
CA LEU A 102 -7.38 -10.76 7.50
C LEU A 102 -6.81 -12.09 8.03
N ALA A 103 -7.63 -12.85 8.74
CA ALA A 103 -7.26 -14.21 9.13
C ALA A 103 -7.04 -15.10 7.89
N TRP A 104 -7.95 -14.99 6.93
CA TRP A 104 -7.81 -15.66 5.62
C TRP A 104 -6.51 -15.25 4.88
N ILE A 105 -6.25 -13.96 4.81
CA ILE A 105 -4.99 -13.40 4.25
C ILE A 105 -3.75 -14.09 4.89
N ALA A 106 -3.73 -14.16 6.21
CA ALA A 106 -2.65 -14.87 6.91
C ALA A 106 -2.56 -16.37 6.50
N GLN A 107 -3.69 -17.05 6.53
CA GLN A 107 -3.78 -18.48 6.15
C GLN A 107 -3.23 -18.74 4.74
N GLN A 108 -3.48 -17.80 3.83
CA GLN A 108 -3.03 -17.83 2.45
C GLN A 108 -1.54 -17.50 2.29
N ALA A 109 -0.87 -17.12 3.39
CA ALA A 109 0.50 -16.59 3.31
C ALA A 109 0.60 -15.41 2.34
N ALA A 110 -0.45 -14.60 2.33
CA ALA A 110 -0.52 -13.39 1.54
C ALA A 110 0.16 -12.32 2.36
N LEU A 111 1.51 -12.35 2.36
CA LEU A 111 2.28 -11.42 3.18
C LEU A 111 1.93 -9.98 2.84
N GLU A 112 1.74 -9.71 1.54
CA GLU A 112 1.42 -8.35 1.09
C GLU A 112 0.02 -8.27 0.51
N VAL A 113 -0.67 -7.21 0.90
CA VAL A 113 -2.00 -6.90 0.38
C VAL A 113 -1.84 -5.60 -0.42
N HIS A 114 -2.15 -5.68 -1.70
CA HIS A 114 -2.06 -4.52 -2.62
C HIS A 114 -3.45 -4.07 -3.08
N VAL A 115 -3.68 -2.76 -3.13
CA VAL A 115 -5.00 -2.20 -3.52
C VAL A 115 -4.85 -0.96 -4.42
N PRO A 116 -5.90 -0.68 -5.22
CA PRO A 116 -5.90 0.55 -6.01
C PRO A 116 -6.37 1.74 -5.14
N GLN A 117 -6.34 2.94 -5.71
CA GLN A 117 -6.69 4.11 -4.94
C GLN A 117 -8.17 4.51 -5.06
N TRP A 118 -8.94 3.70 -5.80
CA TRP A 118 -10.40 3.86 -5.90
C TRP A 118 -11.11 2.77 -5.11
N ARG A 119 -12.36 3.06 -4.73
CA ARG A 119 -13.25 2.07 -4.13
C ARG A 119 -14.40 1.68 -5.06
N PHE A 120 -14.87 0.43 -4.94
CA PHE A 120 -16.16 0.04 -5.55
C PHE A 120 -17.31 0.91 -5.05
N VAL A 121 -18.22 1.23 -5.96
CA VAL A 121 -19.46 1.96 -5.63
C VAL A 121 -20.65 1.14 -6.14
N ALA A 122 -21.70 1.11 -5.32
CA ALA A 122 -22.90 0.33 -5.60
C ALA A 122 -23.80 1.09 -6.57
N GLU A 123 -24.29 0.37 -7.58
CA GLU A 123 -25.21 0.93 -8.56
C GLU A 123 -26.49 1.43 -7.90
N PRO A 124 -26.95 2.63 -8.33
CA PRO A 124 -28.28 3.19 -8.00
C PRO A 124 -29.37 2.12 -7.82
N GLY A 125 -29.68 1.37 -8.88
CA GLY A 125 -30.85 0.50 -8.87
C GLY A 125 -30.60 -0.99 -8.65
N SER A 126 -29.40 -1.45 -9.01
CA SER A 126 -29.10 -2.88 -9.02
C SER A 126 -28.13 -3.33 -7.92
N GLY A 127 -27.53 -2.36 -7.23
CA GLY A 127 -26.58 -2.62 -6.14
C GLY A 127 -25.32 -3.36 -6.60
N GLU A 128 -25.10 -3.42 -7.91
CA GLU A 128 -23.92 -4.09 -8.45
C GLU A 128 -22.68 -3.19 -8.22
N LEU A 129 -21.57 -3.81 -7.83
CA LEU A 129 -20.38 -3.03 -7.51
C LEU A 129 -19.53 -2.79 -8.76
N ASN A 130 -19.31 -1.53 -9.07
CA ASN A 130 -18.41 -1.12 -10.15
C ASN A 130 -17.36 -0.17 -9.61
N PRO A 131 -16.18 -0.11 -10.27
CA PRO A 131 -15.14 0.82 -9.82
C PRO A 131 -15.65 2.26 -9.73
N GLY A 132 -15.36 2.94 -8.63
CA GLY A 132 -15.78 4.33 -8.43
C GLY A 132 -14.60 5.28 -8.58
N PRO A 133 -14.79 6.55 -8.15
CA PRO A 133 -13.72 7.54 -8.26
C PRO A 133 -12.52 7.22 -7.37
N ALA A 134 -11.39 7.88 -7.66
CA ALA A 134 -10.21 7.84 -6.80
C ALA A 134 -10.60 8.53 -5.48
N THR A 135 -10.23 7.94 -4.34
CA THR A 135 -10.54 8.55 -3.03
C THR A 135 -9.30 9.17 -2.40
N ARG A 136 -8.14 8.80 -2.92
CA ARG A 136 -6.88 9.38 -2.48
C ARG A 136 -5.91 9.37 -3.65
N LEU A 137 -4.90 10.24 -3.58
CA LEU A 137 -3.73 10.16 -4.46
C LEU A 137 -2.64 9.36 -3.75
N VAL A 138 -1.85 8.63 -4.52
CA VAL A 138 -0.63 8.01 -4.01
C VAL A 138 0.60 8.39 -4.85
N PHE A 139 1.73 8.56 -4.15
CA PHE A 139 3.03 8.77 -4.79
C PHE A 139 3.96 7.70 -4.23
N ASP A 140 4.65 7.05 -5.14
CA ASP A 140 5.58 5.98 -4.84
C ASP A 140 6.99 6.56 -5.08
N LEU A 141 7.72 6.80 -4.00
CA LEU A 141 9.06 7.41 -4.12
C LEU A 141 10.14 6.32 -4.00
N ASP A 142 10.90 6.16 -5.09
CA ASP A 142 11.98 5.16 -5.19
C ASP A 142 13.36 5.84 -5.25
N PRO A 143 14.26 5.45 -4.33
CA PRO A 143 15.63 5.97 -4.34
C PRO A 143 16.46 5.32 -5.46
N GLY A 144 17.11 6.16 -6.27
CA GLY A 144 18.09 5.69 -7.23
C GLY A 144 19.31 5.25 -6.46
N GLU A 145 20.29 4.68 -7.17
CA GLU A 145 21.57 4.35 -6.57
C GLU A 145 22.17 5.54 -5.82
N GLY A 146 22.67 5.26 -4.62
CA GLY A 146 23.32 6.25 -3.78
C GLY A 146 22.38 7.13 -2.97
N VAL A 147 21.07 7.03 -3.21
CA VAL A 147 20.10 7.92 -2.58
C VAL A 147 19.76 7.42 -1.17
N MET A 148 19.97 8.30 -0.20
CA MET A 148 19.75 7.97 1.20
C MET A 148 18.34 8.39 1.63
N MET A 149 17.95 7.94 2.83
CA MET A 149 16.62 8.23 3.36
C MET A 149 16.37 9.73 3.51
N ALA A 150 17.43 10.46 3.88
CA ALA A 150 17.36 11.93 4.01
C ALA A 150 16.87 12.62 2.74
N GLN A 151 17.39 12.19 1.60
CA GLN A 151 16.94 12.76 0.32
C GLN A 151 15.50 12.37 -0.01
N LEU A 152 15.15 11.11 0.28
CA LEU A 152 13.78 10.65 0.06
C LEU A 152 12.82 11.51 0.88
N ALA A 153 13.18 11.77 2.13
CA ALA A 153 12.37 12.61 3.01
C ALA A 153 12.27 14.07 2.49
N GLU A 154 13.37 14.62 1.98
CA GLU A 154 13.36 15.99 1.44
C GLU A 154 12.40 16.08 0.26
N VAL A 155 12.50 15.11 -0.64
CA VAL A 155 11.60 15.06 -1.79
C VAL A 155 10.14 14.89 -1.33
N ALA A 156 9.91 14.03 -0.34
CA ALA A 156 8.58 13.86 0.26
C ALA A 156 8.02 15.19 0.79
N ARG A 157 8.84 15.99 1.49
CA ARG A 157 8.41 17.31 1.95
C ARG A 157 8.04 18.22 0.79
N ALA A 158 8.82 18.14 -0.29
CA ALA A 158 8.58 18.96 -1.46
C ALA A 158 7.26 18.58 -2.15
N VAL A 159 6.99 17.28 -2.24
CA VAL A 159 5.67 16.80 -2.71
C VAL A 159 4.55 17.33 -1.81
N ARG A 160 4.73 17.18 -0.50
CA ARG A 160 3.75 17.68 0.47
C ARG A 160 3.48 19.19 0.28
N ASP A 161 4.54 19.97 0.14
CA ASP A 161 4.41 21.42 -0.03
C ASP A 161 3.62 21.81 -1.29
N LEU A 162 3.88 21.12 -2.41
CA LEU A 162 3.17 21.42 -3.66
C LEU A 162 1.69 21.11 -3.55
N LEU A 163 1.37 20.03 -2.86
CA LEU A 163 -0.03 19.64 -2.62
C LEU A 163 -0.71 20.57 -1.63
N ALA A 164 0.05 21.06 -0.64
CA ALA A 164 -0.45 22.03 0.33
C ALA A 164 -0.84 23.37 -0.35
N ASP A 165 -0.19 23.66 -1.47
CA ASP A 165 -0.53 24.86 -2.28
C ASP A 165 -1.93 24.75 -2.91
N ILE A 166 -2.51 23.54 -2.85
CA ILE A 166 -3.85 23.25 -3.39
C ILE A 166 -4.82 22.96 -2.22
N GLY A 167 -4.32 23.09 -1.00
CA GLY A 167 -5.13 22.79 0.18
C GLY A 167 -5.27 21.30 0.48
N LEU A 168 -4.41 20.49 -0.13
CA LEU A 168 -4.40 19.03 0.12
C LEU A 168 -3.39 18.64 1.21
N VAL A 169 -3.79 17.68 2.06
CA VAL A 169 -2.95 17.17 3.14
C VAL A 169 -2.28 15.87 2.66
N THR A 170 -1.05 15.65 3.12
CA THR A 170 -0.26 14.48 2.70
C THR A 170 0.26 13.73 3.94
N PHE A 171 0.12 12.41 3.91
CA PHE A 171 0.54 11.50 4.98
C PHE A 171 1.69 10.65 4.47
N PRO A 172 2.83 10.60 5.22
CA PRO A 172 3.96 9.75 4.79
C PRO A 172 3.92 8.35 5.38
N VAL A 173 4.38 7.40 4.57
CA VAL A 173 4.41 5.99 4.92
C VAL A 173 5.79 5.45 4.47
N THR A 174 6.59 4.92 5.39
CA THR A 174 7.79 4.20 4.95
C THR A 174 7.30 2.86 4.35
N SER A 175 7.73 2.54 3.14
CA SER A 175 7.14 1.41 2.40
C SER A 175 7.35 0.03 3.01
N GLY A 176 8.38 -0.11 3.86
CA GLY A 176 8.79 -1.40 4.42
C GLY A 176 9.91 -2.02 3.61
N SER A 177 10.21 -1.42 2.46
CA SER A 177 11.20 -1.96 1.55
C SER A 177 12.34 -0.93 1.40
N LYS A 178 12.33 -0.10 0.38
CA LYS A 178 13.48 0.81 0.12
C LYS A 178 13.13 2.31 0.21
N GLY A 179 11.84 2.63 0.03
CA GLY A 179 11.41 4.02 -0.15
C GLY A 179 10.27 4.48 0.73
N LEU A 180 9.50 5.42 0.20
CA LEU A 180 8.43 6.08 0.93
C LEU A 180 7.20 6.12 0.05
N HIS A 181 6.03 6.00 0.65
CA HIS A 181 4.78 6.21 -0.05
C HIS A 181 4.09 7.41 0.60
N LEU A 182 3.42 8.21 -0.22
CA LEU A 182 2.68 9.36 0.26
C LEU A 182 1.22 9.26 -0.16
N TYR A 183 0.31 9.57 0.77
CA TYR A 183 -1.12 9.52 0.50
C TYR A 183 -1.78 10.85 0.79
N THR A 184 -2.66 11.27 -0.11
CA THR A 184 -3.43 12.49 0.14
C THR A 184 -4.91 12.21 -0.14
N PRO A 185 -5.77 12.39 0.89
CA PRO A 185 -7.21 12.17 0.74
C PRO A 185 -7.82 13.22 -0.18
N LEU A 186 -8.72 12.78 -1.06
CA LEU A 186 -9.44 13.67 -1.96
C LEU A 186 -10.84 13.88 -1.39
N ASP A 187 -11.13 15.15 -1.08
CA ASP A 187 -12.40 15.54 -0.47
C ASP A 187 -13.57 15.38 -1.44
N GLU A 188 -13.36 15.82 -2.68
CA GLU A 188 -14.36 15.69 -3.75
C GLU A 188 -13.99 14.53 -4.68
N PRO A 189 -15.00 13.95 -5.37
CA PRO A 189 -14.76 12.84 -6.30
C PRO A 189 -13.90 13.24 -7.50
N VAL A 190 -12.95 12.38 -7.86
CA VAL A 190 -12.03 12.59 -8.98
C VAL A 190 -11.84 11.23 -9.67
N SER A 191 -11.96 11.18 -10.99
CA SER A 191 -11.67 9.96 -11.75
C SER A 191 -10.20 9.54 -11.58
N SER A 192 -9.92 8.23 -11.67
CA SER A 192 -8.52 7.79 -11.62
C SER A 192 -7.67 8.46 -12.71
N ARG A 193 -8.28 8.66 -13.89
CA ARG A 193 -7.61 9.43 -14.95
C ARG A 193 -7.22 10.81 -14.44
N GLY A 194 -8.16 11.50 -13.81
CA GLY A 194 -7.96 12.87 -13.32
C GLY A 194 -6.90 12.89 -12.22
N ALA A 195 -6.93 11.87 -11.37
CA ALA A 195 -5.93 11.72 -10.32
C ALA A 195 -4.52 11.49 -10.91
N THR A 196 -4.43 10.71 -11.97
CA THR A 196 -3.13 10.41 -12.60
C THR A 196 -2.53 11.67 -13.24
N VAL A 197 -3.39 12.48 -13.84
CA VAL A 197 -2.97 13.75 -14.44
C VAL A 197 -2.41 14.72 -13.39
N LEU A 198 -3.13 14.83 -12.28
CA LEU A 198 -2.71 15.74 -11.20
C LEU A 198 -1.38 15.30 -10.60
N ALA A 199 -1.28 13.99 -10.30
CA ALA A 199 -0.03 13.40 -9.74
C ALA A 199 1.17 13.57 -10.70
N LYS A 200 0.94 13.33 -11.99
CA LYS A 200 1.98 13.51 -13.01
C LYS A 200 2.46 14.97 -13.06
N ARG A 201 1.50 15.91 -13.03
CA ARG A 201 1.87 17.32 -13.01
C ARG A 201 2.67 17.72 -11.76
N VAL A 202 2.30 17.19 -10.60
CA VAL A 202 3.11 17.36 -9.39
C VAL A 202 4.55 16.85 -9.59
N ALA A 203 4.67 15.60 -10.07
CA ALA A 203 5.98 14.94 -10.30
C ALA A 203 6.84 15.79 -11.26
N GLN A 204 6.22 16.22 -12.35
CA GLN A 204 6.91 16.98 -13.40
C GLN A 204 7.34 18.34 -12.89
N ARG A 205 6.48 18.99 -12.11
CA ARG A 205 6.81 20.28 -11.49
C ARG A 205 8.06 20.13 -10.59
N LEU A 206 8.08 19.07 -9.78
CA LEU A 206 9.23 18.82 -8.90
C LEU A 206 10.53 18.51 -9.63
N GLU A 207 10.40 17.75 -10.71
CA GLU A 207 11.56 17.40 -11.52
C GLU A 207 12.15 18.66 -12.18
N GLN A 208 11.28 19.56 -12.61
CA GLN A 208 11.71 20.86 -13.17
C GLN A 208 12.42 21.71 -12.13
N ALA A 209 11.93 21.68 -10.90
CA ALA A 209 12.50 22.48 -9.82
C ALA A 209 13.86 21.94 -9.33
N MET A 210 14.01 20.61 -9.31
CA MET A 210 15.23 19.96 -8.78
C MET A 210 15.62 18.73 -9.62
N PRO A 211 16.01 18.96 -10.89
CA PRO A 211 16.27 17.85 -11.82
C PRO A 211 17.43 16.94 -11.40
N ALA A 212 18.35 17.43 -10.55
CA ALA A 212 19.46 16.59 -10.08
C ALA A 212 19.03 15.63 -8.95
N LEU A 213 17.87 15.90 -8.35
CA LEU A 213 17.39 15.19 -7.16
C LEU A 213 16.11 14.40 -7.39
N VAL A 214 15.37 14.75 -8.44
CA VAL A 214 14.04 14.17 -8.71
C VAL A 214 13.92 13.82 -10.17
N THR A 215 13.38 12.62 -10.44
CA THR A 215 12.88 12.34 -11.77
C THR A 215 11.41 11.89 -11.77
N SER A 216 10.69 12.20 -12.85
CA SER A 216 9.29 11.80 -12.99
C SER A 216 9.13 10.67 -14.01
N THR A 217 10.25 10.11 -14.45
CA THR A 217 10.19 9.00 -15.42
C THR A 217 10.96 7.77 -14.92
N MET A 218 10.50 6.61 -15.37
CA MET A 218 10.90 5.30 -14.84
C MET A 218 12.31 4.86 -15.22
N THR A 219 12.71 5.16 -16.46
CA THR A 219 13.99 4.72 -17.03
C THR A 219 15.15 4.76 -16.02
N LYS A 220 15.74 3.60 -15.76
CA LYS A 220 16.67 3.42 -14.63
C LYS A 220 18.08 3.93 -14.88
N SER A 221 18.45 4.07 -16.15
CA SER A 221 19.76 4.58 -16.56
C SER A 221 20.02 5.98 -16.00
N LEU A 222 18.94 6.75 -15.85
CA LEU A 222 19.01 8.11 -15.39
C LEU A 222 18.55 8.28 -13.94
N ARG A 223 18.34 7.17 -13.23
CA ARG A 223 17.82 7.31 -11.85
C ARG A 223 18.89 7.57 -10.77
N ALA A 224 20.17 7.33 -11.08
CA ALA A 224 21.23 7.43 -10.06
C ALA A 224 21.26 8.81 -9.42
N GLY A 225 21.39 8.85 -8.09
CA GLY A 225 21.36 10.12 -7.35
C GLY A 225 19.99 10.82 -7.26
N LYS A 226 18.96 10.23 -7.84
CA LYS A 226 17.64 10.88 -7.89
C LYS A 226 16.57 10.03 -7.20
N VAL A 227 15.53 10.69 -6.71
CA VAL A 227 14.32 10.01 -6.26
C VAL A 227 13.36 10.00 -7.46
N PHE A 228 12.96 8.80 -7.88
CA PHE A 228 11.91 8.68 -8.87
C PHE A 228 10.55 8.80 -8.17
N VAL A 229 9.80 9.82 -8.56
CA VAL A 229 8.49 10.08 -7.96
C VAL A 229 7.50 9.44 -8.91
N ASP A 230 7.11 8.21 -8.58
CA ASP A 230 6.21 7.45 -9.44
C ASP A 230 4.76 7.88 -9.15
N TRP A 231 4.19 8.55 -10.15
CA TRP A 231 2.81 9.08 -10.11
C TRP A 231 1.80 8.14 -10.78
N SER A 232 2.28 7.08 -11.40
CA SER A 232 1.46 6.28 -12.30
C SER A 232 0.55 5.28 -11.58
N GLN A 233 0.76 5.05 -10.28
CA GLN A 233 -0.05 4.08 -9.55
C GLN A 233 -1.40 4.68 -9.20
N ASN A 234 -1.61 5.94 -9.59
CA ASN A 234 -2.97 6.49 -9.59
C ASN A 234 -3.85 5.99 -10.73
N SER A 235 -3.24 5.32 -11.69
CA SER A 235 -4.00 4.68 -12.76
C SER A 235 -4.99 3.66 -12.16
N GLY A 236 -6.19 3.59 -12.74
CA GLY A 236 -7.23 2.67 -12.26
C GLY A 236 -6.82 1.21 -12.31
N SER A 237 -5.90 0.88 -13.21
CA SER A 237 -5.45 -0.49 -13.41
C SER A 237 -4.19 -0.84 -12.58
N LYS A 238 -3.70 0.11 -11.79
CA LYS A 238 -2.55 -0.16 -10.92
C LYS A 238 -2.92 -0.28 -9.43
N THR A 239 -1.98 -0.82 -8.67
CA THR A 239 -2.14 -1.00 -7.21
C THR A 239 -0.94 -0.39 -6.48
N THR A 240 -1.05 -0.27 -5.17
CA THR A 240 0.06 0.07 -4.27
C THR A 240 -0.20 -0.74 -3.02
N ILE A 241 0.87 -1.22 -2.40
CA ILE A 241 0.74 -1.98 -1.16
C ILE A 241 -0.11 -1.20 -0.13
N ALA A 242 -1.00 -1.90 0.56
CA ALA A 242 -1.85 -1.29 1.61
C ALA A 242 -1.02 -0.81 2.82
N PRO A 243 -1.34 0.38 3.36
CA PRO A 243 -0.81 0.76 4.68
C PRO A 243 -1.01 -0.38 5.70
N TYR A 244 0.00 -0.62 6.52
CA TYR A 244 0.03 -1.69 7.53
C TYR A 244 0.33 -3.10 6.97
N SER A 245 0.35 -3.27 5.65
CA SER A 245 0.79 -4.54 5.07
C SER A 245 2.18 -4.92 5.52
N LEU A 246 2.36 -6.22 5.81
CA LEU A 246 3.70 -6.77 5.93
C LEU A 246 4.40 -6.71 4.57
N ARG A 247 5.71 -6.86 4.58
CA ARG A 247 6.48 -7.00 3.33
C ARG A 247 7.07 -8.41 3.20
N GLY A 248 7.09 -8.90 1.97
CA GLY A 248 7.79 -10.14 1.63
C GLY A 248 9.26 -9.82 1.35
N ARG A 249 10.02 -9.54 2.41
CA ARG A 249 11.44 -9.17 2.31
C ARG A 249 12.13 -9.98 3.41
N THR A 250 13.45 -9.89 3.50
CA THR A 250 14.22 -10.68 4.44
C THR A 250 13.73 -10.51 5.88
N HIS A 251 13.36 -9.28 6.24
CA HIS A 251 12.76 -9.01 7.55
C HIS A 251 11.26 -8.67 7.42
N PRO A 252 10.45 -9.05 8.43
CA PRO A 252 9.00 -8.77 8.41
C PRO A 252 8.74 -7.29 8.74
N THR A 253 9.12 -6.44 7.80
CA THR A 253 8.88 -4.99 7.92
C THR A 253 7.49 -4.67 7.37
N VAL A 254 7.06 -3.42 7.55
CA VAL A 254 5.69 -3.03 7.30
C VAL A 254 5.68 -1.69 6.52
N ALA A 255 4.66 -1.52 5.67
CA ALA A 255 4.30 -0.21 5.11
C ALA A 255 3.72 0.65 6.25
N ALA A 256 4.59 1.32 6.98
CA ALA A 256 4.25 1.93 8.30
C ALA A 256 3.95 3.39 8.16
N PRO A 257 2.74 3.82 8.58
CA PRO A 257 2.50 5.26 8.65
C PRO A 257 3.47 5.98 9.60
N ARG A 258 3.93 7.13 9.16
CA ARG A 258 4.86 7.93 9.95
C ARG A 258 4.32 9.33 10.21
N THR A 259 4.95 10.05 11.14
CA THR A 259 4.72 11.49 11.26
C THR A 259 5.74 12.25 10.39
N TRP A 260 5.41 13.47 9.98
CA TRP A 260 6.39 14.32 9.31
C TRP A 260 7.64 14.60 10.20
N ALA A 261 7.46 14.69 11.51
CA ALA A 261 8.59 14.91 12.43
C ALA A 261 9.60 13.74 12.38
N GLU A 262 9.10 12.53 12.21
CA GLU A 262 9.96 11.35 12.09
C GLU A 262 10.80 11.44 10.82
N LEU A 263 10.24 12.06 9.78
CA LEU A 263 10.95 12.25 8.52
C LEU A 263 12.07 13.31 8.59
N ASP A 264 12.16 14.05 9.69
CA ASP A 264 13.28 14.99 9.94
C ASP A 264 14.54 14.28 10.48
N ASP A 265 14.40 13.03 10.90
CA ASP A 265 15.54 12.22 11.37
C ASP A 265 16.32 11.62 10.20
N PRO A 266 17.61 12.00 10.06
CA PRO A 266 18.45 11.42 9.00
C PRO A 266 18.65 9.90 9.16
N ALA A 267 18.48 9.40 10.39
CA ALA A 267 18.51 7.95 10.71
C ALA A 267 17.19 7.22 10.42
N LEU A 268 16.24 7.93 9.81
CA LEU A 268 14.95 7.33 9.42
C LEU A 268 15.17 5.97 8.76
N ARG A 269 14.40 4.97 9.21
CA ARG A 269 14.51 3.60 8.70
C ARG A 269 13.16 2.90 8.61
N GLN A 270 13.18 1.72 7.98
CA GLN A 270 11.95 0.91 7.87
C GLN A 270 11.65 0.29 9.24
N LEU A 271 10.36 0.06 9.54
CA LEU A 271 9.96 -0.51 10.84
C LEU A 271 9.52 -1.96 10.73
N SER A 272 9.81 -2.74 11.77
CA SER A 272 9.42 -4.14 11.79
C SER A 272 8.00 -4.21 12.34
N TYR A 273 7.33 -5.35 12.17
CA TYR A 273 5.92 -5.48 12.52
C TYR A 273 5.68 -5.30 14.02
N ASP A 274 6.62 -5.79 14.83
CA ASP A 274 6.51 -5.61 16.31
C ASP A 274 6.51 -4.14 16.69
N GLU A 275 7.36 -3.35 16.03
CA GLU A 275 7.42 -1.91 16.25
C GLU A 275 6.12 -1.21 15.87
N VAL A 276 5.54 -1.64 14.76
CA VAL A 276 4.28 -1.07 14.30
C VAL A 276 3.15 -1.35 15.35
N LEU A 277 3.09 -2.57 15.89
CA LEU A 277 2.11 -2.90 16.94
C LEU A 277 2.27 -2.00 18.19
N THR A 278 3.51 -1.84 18.62
CA THR A 278 3.82 -0.96 19.74
C THR A 278 3.36 0.49 19.48
N ARG A 279 3.63 0.97 18.27
CA ARG A 279 3.24 2.32 17.89
C ARG A 279 1.72 2.53 17.85
N ILE A 280 0.98 1.54 17.31
CA ILE A 280 -0.50 1.54 17.30
C ILE A 280 -1.04 1.60 18.73
N ALA A 281 -0.43 0.81 19.63
CA ALA A 281 -0.82 0.86 21.05
C ALA A 281 -0.69 2.25 21.67
N ARG A 282 0.35 2.98 21.26
CA ARG A 282 0.65 4.31 21.77
C ARG A 282 -0.22 5.39 21.13
N ASP A 283 -0.30 5.37 19.80
CA ASP A 283 -0.79 6.53 19.01
C ASP A 283 -2.03 6.29 18.16
N GLY A 284 -2.50 5.04 18.10
CA GLY A 284 -3.61 4.69 17.23
C GLY A 284 -3.17 4.76 15.77
N ASP A 285 -4.10 5.15 14.91
CA ASP A 285 -3.88 5.16 13.46
C ASP A 285 -3.49 6.58 13.02
N LEU A 286 -2.22 6.75 12.70
CA LEU A 286 -1.74 8.03 12.13
C LEU A 286 -2.46 8.41 10.82
N LEU A 287 -3.00 7.43 10.11
CA LEU A 287 -3.80 7.64 8.88
C LEU A 287 -5.32 7.73 9.08
N GLU A 288 -5.76 7.96 10.32
CA GLU A 288 -7.19 8.00 10.65
C GLU A 288 -8.02 8.94 9.74
N ARG A 289 -7.41 10.03 9.28
CA ARG A 289 -8.11 11.01 8.44
C ARG A 289 -8.05 10.70 6.93
N LEU A 290 -7.36 9.63 6.54
CA LEU A 290 -7.16 9.30 5.13
C LEU A 290 -8.42 8.75 4.47
N ASP A 291 -9.13 7.87 5.19
CA ASP A 291 -10.32 7.23 4.63
C ASP A 291 -11.58 7.46 5.48
N ALA A 292 -11.56 8.52 6.28
CA ALA A 292 -12.67 8.87 7.16
C ALA A 292 -13.93 9.31 6.39
MN MN B . 8.53 2.01 -4.50
PG GTP C . 10.06 -0.18 -2.62
O1G GTP C . 10.11 0.77 -1.48
O2G GTP C . 10.08 0.56 -3.94
O3G GTP C . 11.13 -1.23 -2.53
O3B GTP C . 8.65 -0.97 -2.41
PB GTP C . 7.27 -0.78 -3.17
O1B GTP C . 7.01 0.64 -3.55
O2B GTP C . 6.16 -1.27 -2.31
O3A GTP C . 7.53 -1.58 -4.53
PA GTP C . 6.98 -2.99 -5.09
O1A GTP C . 6.59 -3.92 -3.97
O2A GTP C . 8.11 -3.49 -5.97
O5' GTP C . 5.72 -2.59 -5.97
C5' GTP C . 5.79 -1.64 -7.05
C4' GTP C . 4.51 -1.75 -7.89
O4' GTP C . 4.30 -3.06 -8.42
C3' GTP C . 3.26 -1.42 -7.10
O3' GTP C . 2.38 -0.87 -8.03
C2' GTP C . 2.74 -2.81 -6.66
O2' GTP C . 1.36 -2.94 -6.36
C1' GTP C . 3.13 -3.68 -7.84
N9 GTP C . 3.63 -5.03 -7.57
C8 GTP C . 4.39 -5.49 -6.52
N7 GTP C . 4.68 -6.79 -6.76
C5 GTP C . 4.15 -7.14 -7.97
C6 GTP C . 4.16 -8.32 -8.71
O6 GTP C . 4.73 -9.33 -8.28
N1 GTP C . 3.54 -8.35 -9.96
C2 GTP C . 2.91 -7.22 -10.47
N2 GTP C . 2.29 -7.30 -11.66
N3 GTP C . 2.88 -6.05 -9.72
C4 GTP C . 3.51 -6.02 -8.49
#